data_3H5J
#
_entry.id   3H5J
#
_cell.length_a   41.070
_cell.length_b   75.710
_cell.length_c   48.840
_cell.angle_alpha   90.00
_cell.angle_beta   103.22
_cell.angle_gamma   90.00
#
_symmetry.space_group_name_H-M   'P 1 21 1'
#
loop_
_entity.id
_entity.type
_entity.pdbx_description
1 polymer '3-isopropylmalate dehydratase small subunit'
2 non-polymer 1,2-ETHANEDIOL
3 non-polymer 'SULFATE ION'
4 water water
#
_entity_poly.entity_id   1
_entity_poly.type   'polypeptide(L)'
_entity_poly.pdbx_seq_one_letter_code
;GAMSEAFHTHSGIGVPLRRSNVDTDQIIPAVFLKRVTRTGFEDGLFAGWRSDPAFVLNLSPFDRGSVLVAGPDFGTGSSR
EHAVWALMDYGFRVVISSRFGDIFRGNAGKAGLLAAEVAQDDVELLWKLIEQSPGLEITANLQDRIITAATVVLPFKIDD
HSAWRLLEGLD
;
_entity_poly.pdbx_strand_id   A,B
#
loop_
_chem_comp.id
_chem_comp.type
_chem_comp.name
_chem_comp.formula
EDO non-polymer 1,2-ETHANEDIOL 'C2 H6 O2'
SO4 non-polymer 'SULFATE ION' 'O4 S -2'
#
# COMPACT_ATOMS: atom_id res chain seq x y z
N SER A 4 7.16 2.71 9.10
CA SER A 4 8.45 2.40 8.50
C SER A 4 9.47 2.12 9.61
N GLU A 5 10.46 1.28 9.29
CA GLU A 5 11.53 1.14 10.25
C GLU A 5 12.79 1.68 9.57
N ALA A 6 13.61 2.24 10.44
CA ALA A 6 14.95 2.70 10.04
C ALA A 6 15.91 1.53 9.83
N PHE A 7 16.69 1.68 8.76
CA PHE A 7 17.65 0.72 8.32
C PHE A 7 19.02 1.25 8.78
N HIS A 8 19.60 0.47 9.66
CA HIS A 8 21.02 0.70 9.94
C HIS A 8 21.91 -0.49 9.63
N THR A 9 21.60 -1.67 10.15
CA THR A 9 22.31 -2.90 9.80
C THR A 9 21.30 -4.05 9.77
N HIS A 10 21.49 -5.02 8.90
CA HIS A 10 20.62 -6.16 8.78
C HIS A 10 21.48 -7.41 8.60
N SER A 11 21.24 -8.44 9.34
CA SER A 11 21.85 -9.77 9.22
C SER A 11 20.78 -10.78 8.96
N GLY A 12 20.94 -11.62 7.96
CA GLY A 12 19.98 -12.69 7.75
C GLY A 12 20.50 -13.72 6.80
N ILE A 13 19.73 -14.77 6.62
CA ILE A 13 20.12 -15.85 5.72
C ILE A 13 20.19 -15.27 4.30
N GLY A 14 21.32 -15.59 3.66
CA GLY A 14 21.52 -15.21 2.27
C GLY A 14 20.90 -16.23 1.33
N VAL A 15 20.31 -15.71 0.23
CA VAL A 15 19.66 -16.55 -0.76
C VAL A 15 20.36 -16.37 -2.10
N PRO A 16 20.92 -17.42 -2.65
CA PRO A 16 21.63 -17.30 -3.93
C PRO A 16 20.72 -17.44 -5.13
N LEU A 17 20.41 -16.39 -5.80
CA LEU A 17 19.52 -16.34 -6.96
C LEU A 17 20.37 -16.06 -8.20
N ARG A 18 20.73 -17.12 -8.93
CA ARG A 18 21.55 -16.97 -10.14
C ARG A 18 20.61 -16.71 -11.30
N ARG A 19 19.97 -15.57 -11.24
CA ARG A 19 19.11 -15.08 -12.31
C ARG A 19 19.56 -13.65 -12.55
N SER A 20 19.77 -13.34 -13.80
CA SER A 20 20.17 -12.04 -14.28
C SER A 20 19.03 -11.40 -15.07
N ASN A 21 19.10 -10.08 -15.16
CA ASN A 21 18.13 -9.38 -16.00
C ASN A 21 16.70 -9.62 -15.51
N VAL A 22 16.53 -9.75 -14.19
CA VAL A 22 15.24 -10.10 -13.62
C VAL A 22 14.26 -8.92 -13.79
N ASP A 23 13.15 -9.20 -14.40
CA ASP A 23 12.12 -8.18 -14.68
C ASP A 23 11.06 -8.18 -13.60
N THR A 24 10.37 -7.08 -13.50
CA THR A 24 9.32 -6.87 -12.52
C THR A 24 8.29 -7.99 -12.55
N ASP A 25 7.93 -8.50 -13.70
CA ASP A 25 6.88 -9.55 -13.70
C ASP A 25 7.37 -10.90 -13.25
N GLN A 26 8.69 -11.11 -13.21
CA GLN A 26 9.25 -12.28 -12.53
C GLN A 26 9.26 -12.10 -11.00
N ILE A 27 9.60 -10.89 -10.57
CA ILE A 27 9.57 -10.57 -9.13
C ILE A 27 8.17 -10.68 -8.60
N ILE A 28 7.18 -10.16 -9.31
CA ILE A 28 5.80 -10.31 -8.89
C ILE A 28 4.96 -10.29 -10.15
N PRO A 29 4.41 -11.46 -10.50
CA PRO A 29 3.59 -11.54 -11.74
C PRO A 29 2.39 -10.62 -11.74
N ALA A 30 2.02 -10.20 -12.95
CA ALA A 30 0.94 -9.25 -13.23
C ALA A 30 -0.37 -9.63 -12.55
N VAL A 31 -0.70 -10.91 -12.47
CA VAL A 31 -1.97 -11.37 -11.93
C VAL A 31 -2.08 -11.01 -10.45
N PHE A 32 -1.01 -10.72 -9.74
CA PHE A 32 -1.05 -10.33 -8.36
C PHE A 32 -1.22 -8.82 -8.15
N LEU A 33 -1.18 -8.05 -9.20
CA LEU A 33 -1.20 -6.59 -8.96
C LEU A 33 -2.52 -5.95 -9.25
N LYS A 34 -3.57 -6.74 -9.34
CA LYS A 34 -4.94 -6.16 -9.32
C LYS A 34 -5.44 -5.88 -7.92
N ARG A 35 -4.79 -6.38 -6.88
CA ARG A 35 -5.10 -6.09 -5.48
C ARG A 35 -4.94 -4.60 -5.20
N VAL A 36 -5.89 -3.92 -4.56
CA VAL A 36 -5.97 -2.48 -4.27
C VAL A 36 -5.49 -2.25 -2.86
N THR A 37 -5.39 -3.33 -2.11
CA THR A 37 -5.01 -3.24 -0.72
C THR A 37 -3.49 -3.26 -0.63
N ARG A 38 -3.14 -3.12 0.66
CA ARG A 38 -1.75 -2.98 1.04
C ARG A 38 -1.24 -4.19 1.86
N THR A 39 -2.06 -5.10 2.35
CA THR A 39 -1.72 -6.31 3.04
C THR A 39 -0.77 -7.11 2.13
N GLY A 40 0.05 -7.95 2.72
CA GLY A 40 0.90 -8.87 2.15
C GLY A 40 1.01 -9.38 0.76
N PHE A 41 2.07 -8.94 0.06
CA PHE A 41 2.35 -9.40 -1.28
C PHE A 41 3.35 -10.53 -1.31
N GLU A 42 3.64 -11.13 -0.19
CA GLU A 42 4.68 -12.17 -0.12
C GLU A 42 4.36 -13.37 -1.03
N ASP A 43 3.08 -13.72 -1.17
CA ASP A 43 2.79 -14.88 -1.96
C ASP A 43 3.04 -14.62 -3.46
N GLY A 44 3.08 -13.37 -3.88
CA GLY A 44 3.40 -13.06 -5.26
C GLY A 44 4.89 -13.07 -5.56
N LEU A 45 5.76 -12.98 -4.58
CA LEU A 45 7.17 -12.87 -4.83
C LEU A 45 7.67 -14.09 -5.58
N PHE A 46 8.25 -13.91 -6.77
CA PHE A 46 8.78 -15.01 -7.56
C PHE A 46 7.71 -16.10 -7.74
N ALA A 47 6.43 -15.75 -7.84
CA ALA A 47 5.40 -16.78 -7.72
C ALA A 47 5.44 -17.77 -8.87
N GLY A 48 5.80 -17.31 -10.07
CA GLY A 48 5.90 -18.25 -11.17
C GLY A 48 7.03 -19.25 -10.92
N TRP A 49 8.21 -18.73 -10.54
CA TRP A 49 9.38 -19.56 -10.30
C TRP A 49 9.21 -20.51 -9.11
N ARG A 50 8.38 -20.11 -8.16
CA ARG A 50 8.12 -20.91 -7.00
C ARG A 50 7.27 -22.15 -7.27
N SER A 51 6.76 -22.26 -8.48
CA SER A 51 6.07 -23.47 -8.86
C SER A 51 6.99 -24.67 -8.88
N ASP A 52 8.31 -24.48 -9.03
CA ASP A 52 9.28 -25.59 -9.03
C ASP A 52 9.76 -25.86 -7.62
N PRO A 53 9.58 -27.08 -7.08
CA PRO A 53 10.03 -27.35 -5.72
C PRO A 53 11.55 -27.23 -5.55
N ALA A 54 12.29 -27.21 -6.64
CA ALA A 54 13.74 -27.03 -6.56
C ALA A 54 14.17 -25.58 -6.70
N PHE A 55 13.21 -24.65 -6.88
CA PHE A 55 13.59 -23.23 -6.87
C PHE A 55 14.12 -22.87 -5.50
N VAL A 56 15.14 -22.03 -5.48
CA VAL A 56 15.90 -21.83 -4.26
C VAL A 56 15.07 -21.39 -3.10
N LEU A 57 14.05 -20.55 -3.36
CA LEU A 57 13.32 -19.99 -2.27
C LEU A 57 12.39 -21.01 -1.62
N ASN A 58 12.21 -22.19 -2.27
CA ASN A 58 11.47 -23.28 -1.70
C ASN A 58 12.28 -24.21 -0.81
N LEU A 59 13.60 -24.04 -0.77
CA LEU A 59 14.46 -24.93 -0.05
C LEU A 59 14.82 -24.38 1.32
N SER A 60 14.75 -25.21 2.32
CA SER A 60 15.23 -24.81 3.64
C SER A 60 16.73 -24.69 3.61
N PRO A 61 17.37 -23.72 4.27
CA PRO A 61 16.78 -22.62 5.04
C PRO A 61 16.58 -21.35 4.24
N PHE A 62 16.80 -21.40 2.94
CA PHE A 62 16.69 -20.23 2.06
C PHE A 62 15.29 -19.68 2.02
N ASP A 63 14.30 -20.53 2.31
CA ASP A 63 12.93 -20.07 2.40
C ASP A 63 12.71 -19.07 3.51
N ARG A 64 13.60 -18.97 4.48
CA ARG A 64 13.57 -17.95 5.51
C ARG A 64 14.59 -16.85 5.30
N GLY A 65 15.10 -16.77 4.06
CA GLY A 65 16.09 -15.75 3.75
C GLY A 65 15.59 -14.32 3.82
N SER A 66 16.53 -13.45 4.10
CA SER A 66 16.25 -12.02 4.10
C SER A 66 17.30 -11.18 3.38
N VAL A 67 18.30 -11.78 2.81
CA VAL A 67 19.30 -11.07 1.98
C VAL A 67 19.31 -11.83 0.68
N LEU A 68 18.89 -11.20 -0.41
CA LEU A 68 18.85 -11.83 -1.74
C LEU A 68 20.09 -11.46 -2.50
N VAL A 69 20.84 -12.42 -2.96
CA VAL A 69 22.02 -12.19 -3.79
C VAL A 69 21.66 -12.56 -5.20
N ALA A 70 21.46 -11.57 -6.05
CA ALA A 70 20.98 -11.78 -7.41
C ALA A 70 22.03 -11.50 -8.44
N GLY A 71 21.77 -11.93 -9.69
CA GLY A 71 22.65 -11.65 -10.80
C GLY A 71 22.52 -10.21 -11.24
N PRO A 72 23.34 -9.83 -12.23
CA PRO A 72 23.33 -8.47 -12.73
C PRO A 72 22.02 -8.08 -13.34
N ASP A 73 21.73 -6.80 -13.24
CA ASP A 73 20.56 -6.19 -13.90
C ASP A 73 19.27 -6.68 -13.26
N PHE A 74 19.32 -6.70 -11.90
CA PHE A 74 18.12 -7.03 -11.14
C PHE A 74 17.09 -5.88 -11.18
N GLY A 75 15.87 -6.21 -11.53
CA GLY A 75 14.88 -5.17 -11.62
C GLY A 75 15.16 -4.29 -12.82
N THR A 76 15.75 -4.79 -13.90
CA THR A 76 16.05 -4.01 -15.11
C THR A 76 14.78 -3.51 -15.74
N GLY A 77 14.88 -2.31 -16.35
CA GLY A 77 13.70 -1.85 -17.11
C GLY A 77 12.69 -1.15 -16.24
N SER A 78 11.45 -1.13 -16.72
CA SER A 78 10.38 -0.51 -15.95
C SER A 78 10.01 -1.50 -14.87
N SER A 79 9.65 -0.96 -13.71
CA SER A 79 9.15 -1.89 -12.70
C SER A 79 8.14 -1.16 -11.84
N ARG A 80 7.40 -2.01 -11.12
CA ARG A 80 6.27 -1.65 -10.34
C ARG A 80 6.68 -1.50 -8.89
N GLU A 81 6.01 -0.60 -8.17
CA GLU A 81 6.23 -0.48 -6.72
C GLU A 81 6.03 -1.82 -6.01
N HIS A 82 5.10 -2.64 -6.51
CA HIS A 82 4.74 -3.90 -5.94
C HIS A 82 5.96 -4.84 -5.91
N ALA A 83 6.96 -4.66 -6.78
CA ALA A 83 8.12 -5.52 -6.77
C ALA A 83 8.87 -5.39 -5.44
N VAL A 84 9.03 -4.15 -4.96
CA VAL A 84 9.65 -3.90 -3.70
C VAL A 84 8.79 -4.37 -2.56
N TRP A 85 7.47 -4.14 -2.64
CA TRP A 85 6.57 -4.59 -1.60
C TRP A 85 6.62 -6.09 -1.46
N ALA A 86 6.68 -6.82 -2.59
CA ALA A 86 6.69 -8.26 -2.54
C ALA A 86 7.94 -8.78 -1.83
N LEU A 87 9.10 -8.20 -2.17
CA LEU A 87 10.36 -8.56 -1.55
C LEU A 87 10.28 -8.31 -0.04
N MET A 88 9.85 -7.11 0.33
CA MET A 88 9.79 -6.70 1.74
C MET A 88 8.81 -7.57 2.50
N ASP A 89 7.64 -7.82 1.90
CA ASP A 89 6.61 -8.57 2.63
C ASP A 89 7.04 -10.00 2.87
N TYR A 90 7.83 -10.56 1.94
CA TYR A 90 8.37 -11.89 2.15
C TYR A 90 9.38 -11.92 3.29
N GLY A 91 10.04 -10.81 3.58
CA GLY A 91 11.04 -10.70 4.64
C GLY A 91 12.37 -10.21 4.14
N PHE A 92 12.55 -9.99 2.84
CA PHE A 92 13.85 -9.48 2.41
C PHE A 92 14.02 -8.03 2.84
N ARG A 93 15.21 -7.77 3.37
CA ARG A 93 15.58 -6.39 3.71
C ARG A 93 16.75 -5.88 2.89
N VAL A 94 17.45 -6.77 2.19
CA VAL A 94 18.60 -6.43 1.39
C VAL A 94 18.52 -7.21 0.09
N VAL A 95 18.77 -6.56 -1.02
CA VAL A 95 19.04 -7.20 -2.29
C VAL A 95 20.42 -6.74 -2.73
N ILE A 96 21.27 -7.68 -3.15
CA ILE A 96 22.61 -7.44 -3.64
C ILE A 96 22.65 -7.78 -5.12
N SER A 97 23.20 -6.91 -5.92
CA SER A 97 23.38 -7.10 -7.35
C SER A 97 24.52 -6.21 -7.80
N SER A 98 25.15 -6.56 -8.92
CA SER A 98 26.19 -5.69 -9.45
C SER A 98 25.61 -4.56 -10.29
N ARG A 99 24.37 -4.57 -10.67
CA ARG A 99 23.63 -3.50 -11.32
C ARG A 99 22.15 -3.65 -11.14
N PHE A 100 21.44 -2.60 -10.74
CA PHE A 100 19.99 -2.62 -10.63
C PHE A 100 19.32 -1.77 -11.71
N GLY A 101 18.08 -2.11 -12.05
CA GLY A 101 17.26 -1.14 -12.76
C GLY A 101 17.08 0.10 -11.91
N ASP A 102 17.15 1.28 -12.52
CA ASP A 102 17.11 2.51 -11.70
C ASP A 102 15.76 2.77 -11.04
N ILE A 103 14.69 2.41 -11.72
CA ILE A 103 13.39 2.67 -11.10
C ILE A 103 13.25 1.80 -9.86
N PHE A 104 13.59 0.50 -10.01
CA PHE A 104 13.59 -0.41 -8.85
C PHE A 104 14.45 0.14 -7.72
N ARG A 105 15.68 0.54 -8.08
CA ARG A 105 16.63 0.97 -7.08
C ARG A 105 16.12 2.14 -6.27
N GLY A 106 15.50 3.10 -6.98
CA GLY A 106 14.93 4.24 -6.25
C GLY A 106 13.74 3.82 -5.38
N ASN A 107 12.84 2.96 -5.89
CA ASN A 107 11.67 2.53 -5.16
C ASN A 107 12.12 1.81 -3.89
N ALA A 108 13.19 0.99 -4.01
CA ALA A 108 13.67 0.21 -2.87
C ALA A 108 14.00 1.15 -1.74
N GLY A 109 14.83 2.15 -2.04
CA GLY A 109 15.23 3.05 -0.96
C GLY A 109 14.11 3.82 -0.35
N LYS A 110 13.10 4.12 -1.14
CA LYS A 110 11.91 4.79 -0.65
C LYS A 110 10.98 3.91 0.18
N ALA A 111 11.09 2.61 0.13
CA ALA A 111 10.23 1.69 0.84
C ALA A 111 10.93 0.92 1.93
N GLY A 112 12.19 1.14 2.26
CA GLY A 112 12.88 0.51 3.33
C GLY A 112 13.75 -0.71 2.94
N LEU A 113 13.89 -0.92 1.65
CA LEU A 113 14.68 -2.05 1.14
C LEU A 113 16.05 -1.58 0.71
N LEU A 114 17.11 -2.15 1.24
CA LEU A 114 18.46 -1.82 0.80
C LEU A 114 18.80 -2.54 -0.49
N ALA A 115 19.02 -1.80 -1.56
CA ALA A 115 19.54 -2.29 -2.84
C ALA A 115 21.03 -1.94 -2.87
N ALA A 116 21.84 -2.92 -2.50
CA ALA A 116 23.26 -2.73 -2.36
C ALA A 116 24.01 -3.15 -3.61
N GLU A 117 24.69 -2.22 -4.27
CA GLU A 117 25.42 -2.52 -5.49
C GLU A 117 26.82 -3.02 -5.13
N VAL A 118 27.11 -4.23 -5.54
CA VAL A 118 28.34 -4.94 -5.22
C VAL A 118 28.98 -5.37 -6.52
N ALA A 119 30.32 -5.29 -6.59
CA ALA A 119 31.03 -5.72 -7.78
C ALA A 119 30.69 -7.18 -8.11
N GLN A 120 30.61 -7.50 -9.40
CA GLN A 120 30.17 -8.85 -9.76
C GLN A 120 31.15 -9.90 -9.26
N ASP A 121 32.46 -9.68 -9.23
CA ASP A 121 33.36 -10.67 -8.65
C ASP A 121 32.97 -10.99 -7.21
N ASP A 122 32.51 -9.97 -6.49
CA ASP A 122 32.12 -10.15 -5.10
C ASP A 122 30.75 -10.87 -4.98
N VAL A 123 29.85 -10.60 -5.92
CA VAL A 123 28.60 -11.37 -5.98
C VAL A 123 28.90 -12.85 -6.16
N GLU A 124 29.90 -13.15 -7.02
CA GLU A 124 30.25 -14.56 -7.24
C GLU A 124 30.75 -15.23 -5.99
N LEU A 125 31.55 -14.51 -5.23
CA LEU A 125 32.03 -15.04 -3.95
C LEU A 125 30.87 -15.25 -3.02
N LEU A 126 29.98 -14.30 -2.88
CA LEU A 126 28.81 -14.49 -2.03
C LEU A 126 27.97 -15.69 -2.44
N TRP A 127 27.71 -15.86 -3.72
CA TRP A 127 26.98 -17.05 -4.15
C TRP A 127 27.71 -18.29 -3.71
N LYS A 128 28.99 -18.39 -3.97
CA LYS A 128 29.73 -19.60 -3.59
C LYS A 128 29.63 -19.87 -2.11
N LEU A 129 29.77 -18.82 -1.27
CA LEU A 129 29.75 -19.07 0.17
C LEU A 129 28.41 -19.61 0.62
N ILE A 130 27.32 -18.97 0.20
CA ILE A 130 26.02 -19.37 0.69
C ILE A 130 25.57 -20.70 0.01
N GLU A 131 26.01 -21.02 -1.19
CA GLU A 131 25.70 -22.28 -1.83
C GLU A 131 26.39 -23.43 -1.10
N GLN A 132 27.61 -23.23 -0.67
CA GLN A 132 28.24 -24.47 -0.12
C GLN A 132 27.93 -24.49 1.38
N SER A 133 27.41 -23.42 2.00
CA SER A 133 26.96 -23.44 3.38
C SER A 133 25.53 -22.86 3.51
N PRO A 134 24.53 -23.55 3.04
CA PRO A 134 23.17 -22.96 3.10
C PRO A 134 22.77 -22.60 4.52
N GLY A 135 22.27 -21.37 4.71
CA GLY A 135 22.01 -20.82 6.02
C GLY A 135 23.03 -19.80 6.48
N LEU A 136 24.19 -19.74 5.79
CA LEU A 136 25.14 -18.68 6.10
C LEU A 136 24.46 -17.33 6.05
N GLU A 137 24.72 -16.56 7.09
CA GLU A 137 24.18 -15.22 7.18
C GLU A 137 25.07 -14.23 6.44
N ILE A 138 24.40 -13.25 5.88
CA ILE A 138 25.03 -12.07 5.32
C ILE A 138 24.62 -10.84 6.12
N THR A 139 25.57 -9.99 6.42
CA THR A 139 25.29 -8.74 7.07
C THR A 139 25.51 -7.56 6.15
N ALA A 140 24.58 -6.62 6.10
CA ALA A 140 24.74 -5.38 5.38
C ALA A 140 24.69 -4.22 6.39
N ASN A 141 25.80 -3.51 6.47
CA ASN A 141 25.92 -2.38 7.38
C ASN A 141 25.83 -1.10 6.55
N LEU A 142 24.72 -0.37 6.70
CA LEU A 142 24.54 0.84 5.86
C LEU A 142 25.42 1.98 6.34
N GLN A 143 25.68 2.07 7.65
CA GLN A 143 26.55 3.18 8.12
C GLN A 143 27.91 3.09 7.46
N ASP A 144 28.44 1.88 7.36
CA ASP A 144 29.79 1.65 6.90
C ASP A 144 29.85 1.23 5.42
N ARG A 145 28.69 0.99 4.83
CA ARG A 145 28.56 0.55 3.44
C ARG A 145 29.43 -0.67 3.14
N ILE A 146 29.29 -1.72 3.97
CA ILE A 146 29.96 -3.00 3.79
C ILE A 146 28.97 -4.14 4.01
N ILE A 147 29.29 -5.21 3.27
CA ILE A 147 28.65 -6.53 3.35
C ILE A 147 29.66 -7.48 3.97
N THR A 148 29.28 -8.28 4.97
CA THR A 148 30.09 -9.30 5.58
C THR A 148 29.45 -10.67 5.40
N ALA A 149 30.22 -11.68 5.05
CA ALA A 149 29.77 -13.06 4.96
C ALA A 149 30.95 -13.93 5.42
N ALA A 150 30.84 -14.60 6.54
CA ALA A 150 32.00 -15.34 7.05
C ALA A 150 33.14 -14.33 7.28
N THR A 151 34.32 -14.64 6.80
CA THR A 151 35.48 -13.72 6.97
C THR A 151 35.66 -12.85 5.74
N VAL A 152 34.73 -12.93 4.81
CA VAL A 152 34.80 -12.03 3.66
C VAL A 152 34.03 -10.75 3.94
N VAL A 153 34.71 -9.63 3.71
CA VAL A 153 34.17 -8.32 3.88
C VAL A 153 34.30 -7.52 2.59
N LEU A 154 33.22 -6.89 2.12
CA LEU A 154 33.26 -6.23 0.86
C LEU A 154 32.44 -4.95 0.85
N PRO A 155 32.86 -3.97 0.06
CA PRO A 155 32.15 -2.69 -0.01
C PRO A 155 30.92 -2.80 -0.89
N PHE A 156 29.94 -1.97 -0.59
CA PHE A 156 28.82 -1.79 -1.52
C PHE A 156 28.63 -0.27 -1.74
N LYS A 157 27.91 0.03 -2.85
CA LYS A 157 27.59 1.39 -3.16
C LYS A 157 26.11 1.61 -3.07
N ILE A 158 25.78 2.79 -2.63
CA ILE A 158 24.41 3.29 -2.61
C ILE A 158 24.47 4.77 -2.76
N ASP A 159 23.49 5.43 -3.39
CA ASP A 159 23.52 6.89 -3.40
C ASP A 159 23.15 7.45 -2.02
N ASP A 160 23.63 8.67 -1.76
CA ASP A 160 23.49 9.25 -0.44
C ASP A 160 22.05 9.58 -0.11
N HIS A 161 21.24 9.95 -1.11
CA HIS A 161 19.81 10.22 -0.84
C HIS A 161 19.10 8.97 -0.37
N SER A 162 19.33 7.83 -1.08
CA SER A 162 18.75 6.56 -0.67
C SER A 162 19.20 6.20 0.75
N ALA A 163 20.50 6.43 1.02
CA ALA A 163 21.03 6.12 2.32
C ALA A 163 20.30 6.91 3.42
N TRP A 164 20.11 8.21 3.16
CA TRP A 164 19.34 9.08 4.07
C TRP A 164 17.95 8.54 4.30
N ARG A 165 17.22 8.23 3.23
CA ARG A 165 15.89 7.71 3.41
C ARG A 165 15.85 6.44 4.25
N LEU A 166 16.78 5.55 3.98
CA LEU A 166 16.82 4.30 4.71
C LEU A 166 17.18 4.51 6.18
N LEU A 167 18.24 5.27 6.42
CA LEU A 167 18.69 5.49 7.80
C LEU A 167 17.65 6.20 8.67
N GLU A 168 16.92 7.12 8.01
CA GLU A 168 15.96 7.91 8.77
C GLU A 168 14.62 7.19 8.87
N GLY A 169 14.46 6.09 8.16
CA GLY A 169 13.21 5.35 8.23
C GLY A 169 12.07 6.06 7.59
N LEU A 170 12.33 6.76 6.52
CA LEU A 170 11.33 7.69 6.06
C LEU A 170 10.25 6.90 5.43
N ASP A 171 9.05 7.42 5.52
CA ASP A 171 8.03 6.82 4.65
C ASP A 171 8.28 7.36 3.24
N GLU B 5 -11.99 -8.52 8.02
CA GLU B 5 -13.24 -8.21 8.70
C GLU B 5 -14.33 -8.02 7.64
N ALA B 6 -15.35 -8.83 7.74
CA ALA B 6 -16.55 -8.70 6.96
C ALA B 6 -17.31 -7.41 7.26
N PHE B 7 -17.78 -6.73 6.23
CA PHE B 7 -18.69 -5.62 6.47
C PHE B 7 -20.14 -6.13 6.54
N HIS B 8 -20.88 -5.86 7.63
CA HIS B 8 -22.33 -6.07 7.63
C HIS B 8 -23.08 -4.76 7.85
N THR B 9 -22.78 -4.09 8.98
CA THR B 9 -23.37 -2.79 9.27
C THR B 9 -22.32 -1.91 9.87
N HIS B 10 -22.39 -0.61 9.60
CA HIS B 10 -21.57 0.37 10.22
C HIS B 10 -22.39 1.57 10.68
N SER B 11 -22.18 1.96 11.90
CA SER B 11 -22.81 3.14 12.47
C SER B 11 -21.69 4.08 12.90
N GLY B 12 -21.77 5.37 12.53
CA GLY B 12 -20.78 6.31 13.02
C GLY B 12 -21.24 7.72 12.70
N ILE B 13 -20.47 8.66 13.17
CA ILE B 13 -20.71 10.08 13.01
C ILE B 13 -20.73 10.43 11.51
N GLY B 14 -21.81 11.06 11.06
CA GLY B 14 -21.90 11.55 9.72
C GLY B 14 -21.22 12.90 9.56
N VAL B 15 -20.59 13.09 8.40
CA VAL B 15 -19.88 14.30 8.08
C VAL B 15 -20.44 14.89 6.79
N PRO B 16 -21.00 16.10 6.85
CA PRO B 16 -21.59 16.70 5.66
C PRO B 16 -20.60 17.46 4.84
N LEU B 17 -20.33 17.06 3.64
CA LEU B 17 -19.42 17.76 2.73
C LEU B 17 -20.19 18.18 1.46
N ARG B 18 -20.63 19.44 1.40
CA ARG B 18 -21.40 19.93 0.29
C ARG B 18 -20.47 20.39 -0.84
N ARG B 19 -19.80 19.42 -1.43
CA ARG B 19 -18.90 19.64 -2.55
C ARG B 19 -19.17 18.55 -3.58
N SER B 20 -19.22 18.98 -4.83
CA SER B 20 -19.42 18.10 -5.95
C SER B 20 -18.12 17.80 -6.69
N ASN B 21 -18.08 16.69 -7.42
CA ASN B 21 -16.98 16.32 -8.25
C ASN B 21 -15.68 16.41 -7.50
N VAL B 22 -15.68 15.91 -6.27
CA VAL B 22 -14.47 15.92 -5.46
C VAL B 22 -13.54 14.93 -6.08
N ASP B 23 -12.43 15.44 -6.55
CA ASP B 23 -11.58 14.52 -7.32
C ASP B 23 -10.43 14.06 -6.43
N THR B 24 -9.65 13.16 -7.02
CA THR B 24 -8.56 12.53 -6.32
C THR B 24 -7.55 13.46 -5.67
N ASP B 25 -7.18 14.49 -6.40
CA ASP B 25 -6.19 15.43 -5.84
C ASP B 25 -6.73 16.19 -4.64
N GLN B 26 -8.06 16.31 -4.57
CA GLN B 26 -8.70 17.00 -3.46
C GLN B 26 -8.81 16.04 -2.26
N ILE B 27 -9.14 14.79 -2.56
CA ILE B 27 -9.18 13.80 -1.52
C ILE B 27 -7.80 13.57 -0.94
N ILE B 28 -6.76 13.53 -1.76
CA ILE B 28 -5.41 13.43 -1.28
C ILE B 28 -4.47 14.08 -2.29
N PRO B 29 -4.00 15.29 -1.95
CA PRO B 29 -3.15 16.03 -2.88
C PRO B 29 -1.93 15.25 -3.34
N ALA B 30 -1.61 15.46 -4.61
CA ALA B 30 -0.45 14.87 -5.29
C ALA B 30 0.81 14.98 -4.47
N VAL B 31 1.02 16.04 -3.72
CA VAL B 31 2.27 16.23 -2.95
C VAL B 31 2.41 15.19 -1.84
N PHE B 32 1.34 14.50 -1.47
CA PHE B 32 1.34 13.42 -0.55
C PHE B 32 1.39 12.06 -1.22
N LEU B 33 1.58 12.01 -2.52
CA LEU B 33 1.40 10.72 -3.19
C LEU B 33 2.63 10.38 -4.00
N LYS B 34 3.71 11.05 -3.78
CA LYS B 34 5.05 10.83 -4.26
C LYS B 34 5.68 9.64 -3.58
N ARG B 35 5.26 9.50 -2.30
CA ARG B 35 5.93 8.39 -1.59
C ARG B 35 5.33 7.06 -1.97
N VAL B 36 6.16 6.01 -1.82
CA VAL B 36 5.77 4.71 -2.40
C VAL B 36 5.40 3.76 -1.28
N THR B 37 5.27 4.26 -0.06
CA THR B 37 5.06 3.38 1.07
C THR B 37 3.54 3.29 1.24
N ARG B 38 3.12 2.47 2.21
CA ARG B 38 1.77 2.06 2.42
C ARG B 38 1.20 2.49 3.76
N THR B 39 2.02 3.16 4.55
CA THR B 39 1.82 3.66 5.89
C THR B 39 0.74 4.74 5.80
N GLY B 40 0.06 4.99 6.88
CA GLY B 40 -1.06 5.85 6.95
C GLY B 40 -1.08 7.14 6.17
N PHE B 41 -2.17 7.34 5.43
CA PHE B 41 -2.41 8.51 4.63
C PHE B 41 -3.47 9.41 5.28
N GLU B 42 -3.81 9.16 6.51
CA GLU B 42 -4.83 9.99 7.14
C GLU B 42 -4.53 11.47 7.13
N ASP B 43 -3.29 11.88 7.24
CA ASP B 43 -2.96 13.30 7.23
C ASP B 43 -3.12 13.93 5.86
N GLY B 44 -3.03 13.15 4.80
CA GLY B 44 -3.23 13.71 3.49
C GLY B 44 -4.68 13.90 3.15
N LEU B 45 -5.61 13.22 3.84
CA LEU B 45 -7.00 13.31 3.47
C LEU B 45 -7.45 14.75 3.54
N PHE B 46 -7.95 15.28 2.42
CA PHE B 46 -8.44 16.66 2.41
C PHE B 46 -7.43 17.65 2.96
N ALA B 47 -6.15 17.38 2.76
CA ALA B 47 -5.19 18.15 3.54
C ALA B 47 -5.15 19.63 3.22
N GLY B 48 -5.45 19.91 1.97
CA GLY B 48 -5.49 21.32 1.58
C GLY B 48 -6.61 21.99 2.34
N TRP B 49 -7.77 21.36 2.21
CA TRP B 49 -8.98 21.96 2.77
C TRP B 49 -8.94 22.07 4.28
N ARG B 50 -8.21 21.20 4.96
CA ARG B 50 -8.08 21.17 6.42
C ARG B 50 -7.26 22.31 6.97
N SER B 51 -6.67 23.12 6.11
CA SER B 51 -5.99 24.32 6.60
C SER B 51 -6.95 25.28 7.23
N ASP B 52 -8.24 25.28 6.90
CA ASP B 52 -9.21 26.24 7.43
C ASP B 52 -9.73 25.66 8.74
N PRO B 53 -9.64 26.35 9.87
CA PRO B 53 -10.21 25.79 11.11
C PRO B 53 -11.71 25.55 11.06
N ALA B 54 -12.42 26.23 10.15
CA ALA B 54 -13.86 26.07 9.93
C ALA B 54 -14.15 25.02 8.87
N PHE B 55 -13.20 24.36 8.23
CA PHE B 55 -13.50 23.17 7.42
C PHE B 55 -14.16 22.10 8.28
N VAL B 56 -15.14 21.42 7.72
CA VAL B 56 -15.98 20.51 8.51
C VAL B 56 -15.24 19.48 9.31
N LEU B 57 -14.16 18.90 8.73
CA LEU B 57 -13.44 17.83 9.37
C LEU B 57 -12.64 18.32 10.57
N ASN B 58 -12.52 19.62 10.73
CA ASN B 58 -11.82 20.19 11.88
C ASN B 58 -12.74 20.51 13.05
N LEU B 59 -14.05 20.31 12.89
CA LEU B 59 -15.03 20.60 13.94
C LEU B 59 -15.30 19.34 14.72
N SER B 60 -15.34 19.45 16.04
CA SER B 60 -15.85 18.38 16.88
C SER B 60 -17.37 18.24 16.75
N PRO B 61 -17.95 17.05 16.58
CA PRO B 61 -17.31 15.75 16.58
C PRO B 61 -17.10 15.20 15.15
N PHE B 62 -17.30 16.03 14.12
CA PHE B 62 -17.04 15.61 12.74
C PHE B 62 -15.61 15.14 12.51
N ASP B 63 -14.68 15.63 13.32
CA ASP B 63 -13.31 15.21 13.26
C ASP B 63 -13.16 13.72 13.57
N ARG B 64 -14.10 13.09 14.22
CA ARG B 64 -14.13 11.66 14.47
C ARG B 64 -15.14 10.94 13.59
N GLY B 65 -15.50 11.59 12.48
CA GLY B 65 -16.47 11.03 11.55
C GLY B 65 -16.02 9.74 10.88
N SER B 66 -17.01 8.92 10.57
CA SER B 66 -16.74 7.71 9.82
C SER B 66 -17.71 7.47 8.68
N VAL B 67 -18.70 8.31 8.49
CA VAL B 67 -19.62 8.24 7.36
C VAL B 67 -19.59 9.60 6.65
N LEU B 68 -19.06 9.66 5.47
CA LEU B 68 -18.93 10.91 4.71
C LEU B 68 -20.12 11.06 3.79
N VAL B 69 -20.83 12.15 3.86
CA VAL B 69 -21.95 12.44 2.97
C VAL B 69 -21.52 13.56 2.05
N ALA B 70 -21.27 13.21 0.78
CA ALA B 70 -20.68 14.11 -0.17
C ALA B 70 -21.65 14.43 -1.31
N GLY B 71 -21.32 15.47 -2.10
CA GLY B 71 -22.04 15.80 -3.30
C GLY B 71 -21.79 14.83 -4.42
N PRO B 72 -22.48 15.03 -5.55
CA PRO B 72 -22.43 14.09 -6.67
C PRO B 72 -21.03 13.96 -7.22
N ASP B 73 -20.74 12.78 -7.75
CA ASP B 73 -19.49 12.47 -8.49
C ASP B 73 -18.30 12.55 -7.59
N PHE B 74 -18.49 12.03 -6.37
CA PHE B 74 -17.40 11.90 -5.43
C PHE B 74 -16.37 10.91 -5.99
N GLY B 75 -15.11 11.28 -5.96
CA GLY B 75 -14.01 10.44 -6.36
C GLY B 75 -13.80 10.39 -7.85
N THR B 76 -14.33 11.33 -8.57
CA THR B 76 -14.30 11.43 -10.00
C THR B 76 -12.88 11.44 -10.58
N GLY B 77 -12.86 11.06 -11.82
CA GLY B 77 -12.00 10.74 -12.94
C GLY B 77 -10.95 9.69 -12.62
N SER B 78 -9.70 10.06 -12.87
CA SER B 78 -8.49 9.29 -12.76
C SER B 78 -8.08 9.11 -11.30
N SER B 79 -8.83 8.23 -10.68
CA SER B 79 -8.71 7.78 -9.31
C SER B 79 -7.44 6.95 -9.12
N ARG B 80 -6.84 6.97 -7.95
CA ARG B 80 -5.77 6.17 -7.45
C ARG B 80 -6.27 5.55 -6.16
N GLU B 81 -5.82 4.33 -5.92
CA GLU B 81 -6.22 3.62 -4.73
C GLU B 81 -5.92 4.42 -3.47
N HIS B 82 -5.00 5.34 -3.49
CA HIS B 82 -4.60 6.16 -2.39
C HIS B 82 -5.77 7.02 -1.91
N ALA B 83 -6.69 7.41 -2.78
CA ALA B 83 -7.85 8.14 -2.30
C ALA B 83 -8.66 7.31 -1.30
N VAL B 84 -8.88 6.05 -1.64
CA VAL B 84 -9.57 5.11 -0.73
C VAL B 84 -8.79 4.89 0.55
N TRP B 85 -7.49 4.69 0.41
CA TRP B 85 -6.62 4.46 1.56
C TRP B 85 -6.68 5.67 2.51
N ALA B 86 -6.61 6.91 1.99
CA ALA B 86 -6.67 8.10 2.81
C ALA B 86 -7.97 8.16 3.62
N LEU B 87 -9.10 7.91 2.96
CA LEU B 87 -10.41 7.87 3.64
C LEU B 87 -10.40 6.83 4.74
N MET B 88 -10.04 5.60 4.39
CA MET B 88 -10.02 4.50 5.36
C MET B 88 -9.07 4.77 6.50
N ASP B 89 -7.86 5.26 6.23
CA ASP B 89 -6.90 5.53 7.29
C ASP B 89 -7.39 6.57 8.28
N TYR B 90 -8.15 7.57 7.80
CA TYR B 90 -8.73 8.58 8.65
C TYR B 90 -9.80 7.97 9.55
N GLY B 91 -10.44 6.92 9.09
CA GLY B 91 -11.47 6.23 9.81
C GLY B 91 -12.82 6.15 9.10
N PHE B 92 -12.91 6.70 7.87
CA PHE B 92 -14.16 6.54 7.14
C PHE B 92 -14.34 5.08 6.73
N ARG B 93 -15.58 4.61 6.94
CA ARG B 93 -16.00 3.29 6.51
C ARG B 93 -17.11 3.33 5.49
N VAL B 94 -17.77 4.46 5.33
CA VAL B 94 -18.86 4.64 4.38
C VAL B 94 -18.71 6.01 3.75
N VAL B 95 -18.88 6.07 2.44
CA VAL B 95 -19.08 7.33 1.72
C VAL B 95 -20.45 7.25 1.03
N ILE B 96 -21.21 8.31 1.13
CA ILE B 96 -22.50 8.42 0.49
C ILE B 96 -22.45 9.52 -0.55
N SER B 97 -22.95 9.26 -1.75
CA SER B 97 -23.07 10.25 -2.81
C SER B 97 -24.16 9.78 -3.72
N SER B 98 -24.68 10.69 -4.52
CA SER B 98 -25.66 10.30 -5.54
C SER B 98 -25.05 9.78 -6.82
N ARG B 99 -23.79 9.84 -7.06
CA ARG B 99 -23.03 9.22 -8.09
C ARG B 99 -21.54 9.08 -7.76
N PHE B 100 -20.94 7.89 -7.93
CA PHE B 100 -19.49 7.84 -7.70
C PHE B 100 -18.60 7.78 -8.89
N GLY B 101 -17.40 8.36 -8.93
CA GLY B 101 -16.50 8.03 -10.05
C GLY B 101 -16.40 6.50 -10.13
N ASP B 102 -16.49 5.93 -11.32
CA ASP B 102 -16.54 4.49 -11.59
C ASP B 102 -15.27 3.79 -11.10
N ILE B 103 -14.09 4.38 -11.28
CA ILE B 103 -12.91 3.68 -10.72
C ILE B 103 -12.88 3.71 -9.20
N PHE B 104 -13.22 4.86 -8.62
CA PHE B 104 -13.34 5.01 -7.18
C PHE B 104 -14.26 3.95 -6.59
N ARG B 105 -15.41 3.81 -7.21
CA ARG B 105 -16.45 2.92 -6.71
C ARG B 105 -15.93 1.49 -6.53
N GLY B 106 -15.27 1.06 -7.60
CA GLY B 106 -14.68 -0.25 -7.61
C GLY B 106 -13.54 -0.44 -6.63
N ASN B 107 -12.61 0.53 -6.59
CA ASN B 107 -11.54 0.50 -5.62
C ASN B 107 -12.04 0.52 -4.19
N ALA B 108 -13.11 1.27 -3.92
CA ALA B 108 -13.65 1.33 -2.55
C ALA B 108 -14.00 -0.07 -2.09
N GLY B 109 -14.84 -0.76 -2.89
CA GLY B 109 -15.23 -2.08 -2.50
C GLY B 109 -14.11 -3.08 -2.37
N LYS B 110 -13.05 -2.91 -3.13
CA LYS B 110 -11.92 -3.82 -3.10
C LYS B 110 -10.99 -3.51 -1.92
N ALA B 111 -11.20 -2.40 -1.20
CA ALA B 111 -10.38 -2.06 -0.07
C ALA B 111 -11.12 -1.94 1.25
N GLY B 112 -12.37 -2.33 1.28
CA GLY B 112 -13.09 -2.33 2.54
C GLY B 112 -13.96 -1.12 2.79
N LEU B 113 -14.09 -0.22 1.85
CA LEU B 113 -14.86 1.02 1.98
C LEU B 113 -16.19 0.87 1.27
N LEU B 114 -17.30 1.15 1.95
CA LEU B 114 -18.63 1.09 1.35
C LEU B 114 -18.92 2.41 0.67
N ALA B 115 -19.12 2.39 -0.63
CA ALA B 115 -19.53 3.53 -1.44
C ALA B 115 -20.99 3.34 -1.75
N ALA B 116 -21.85 3.97 -0.95
CA ALA B 116 -23.30 3.80 -0.99
C ALA B 116 -23.92 4.90 -1.84
N GLU B 117 -24.56 4.50 -2.95
CA GLU B 117 -25.16 5.46 -3.86
C GLU B 117 -26.57 5.75 -3.40
N VAL B 118 -26.89 7.01 -3.08
CA VAL B 118 -28.14 7.46 -2.50
C VAL B 118 -28.70 8.57 -3.39
N ALA B 119 -30.00 8.55 -3.63
CA ALA B 119 -30.62 9.59 -4.46
C ALA B 119 -30.28 10.98 -3.92
N GLN B 120 -30.10 11.95 -4.82
CA GLN B 120 -29.63 13.27 -4.41
C GLN B 120 -30.62 13.91 -3.44
N ASP B 121 -31.95 13.75 -3.57
CA ASP B 121 -32.84 14.32 -2.60
C ASP B 121 -32.62 13.74 -1.22
N ASP B 122 -32.22 12.47 -1.20
CA ASP B 122 -31.92 11.83 0.10
C ASP B 122 -30.57 12.30 0.65
N VAL B 123 -29.60 12.56 -0.22
CA VAL B 123 -28.36 13.19 0.22
C VAL B 123 -28.64 14.53 0.87
N GLU B 124 -29.53 15.32 0.24
CA GLU B 124 -29.82 16.66 0.72
C GLU B 124 -30.39 16.57 2.13
N LEU B 125 -31.32 15.60 2.28
CA LEU B 125 -31.94 15.36 3.56
C LEU B 125 -30.90 14.95 4.63
N LEU B 126 -30.00 14.02 4.28
CA LEU B 126 -28.96 13.62 5.22
C LEU B 126 -28.07 14.80 5.62
N TRP B 127 -27.70 15.61 4.63
CA TRP B 127 -26.92 16.80 4.98
C TRP B 127 -27.63 17.63 6.01
N LYS B 128 -28.91 17.92 5.77
CA LYS B 128 -29.64 18.79 6.67
C LYS B 128 -29.70 18.17 8.06
N LEU B 129 -29.94 16.88 8.20
CA LEU B 129 -30.05 16.22 9.50
C LEU B 129 -28.77 16.32 10.30
N ILE B 130 -27.65 16.02 9.60
CA ILE B 130 -26.37 16.04 10.30
C ILE B 130 -25.82 17.44 10.54
N GLU B 131 -26.15 18.39 9.67
CA GLU B 131 -25.74 19.77 9.90
C GLU B 131 -26.44 20.37 11.10
N GLN B 132 -27.70 19.99 11.31
CA GLN B 132 -28.43 20.59 12.44
C GLN B 132 -28.26 19.85 13.76
N SER B 133 -27.77 18.62 13.69
CA SER B 133 -27.41 17.84 14.87
C SER B 133 -26.00 17.25 14.71
N PRO B 134 -24.95 18.06 14.77
CA PRO B 134 -23.62 17.45 14.62
C PRO B 134 -23.36 16.37 15.62
N GLY B 135 -22.87 15.24 15.10
CA GLY B 135 -22.71 14.08 15.97
C GLY B 135 -23.78 13.04 15.72
N LEU B 136 -24.88 13.35 15.03
CA LEU B 136 -25.85 12.35 14.63
C LEU B 136 -25.13 11.21 13.93
N GLU B 137 -25.42 10.00 14.33
CA GLU B 137 -24.91 8.83 13.61
C GLU B 137 -25.75 8.50 12.39
N ILE B 138 -25.06 7.95 11.40
CA ILE B 138 -25.64 7.33 10.24
C ILE B 138 -25.26 5.87 10.25
N THR B 139 -26.24 5.02 9.97
CA THR B 139 -26.02 3.59 9.91
C THR B 139 -26.18 3.14 8.46
N ALA B 140 -25.22 2.38 7.97
CA ALA B 140 -25.33 1.72 6.66
C ALA B 140 -25.35 0.22 6.87
N ASN B 141 -26.44 -0.39 6.43
CA ASN B 141 -26.63 -1.84 6.49
C ASN B 141 -26.52 -2.36 5.09
N LEU B 142 -25.41 -3.11 4.86
CA LEU B 142 -25.17 -3.65 3.55
C LEU B 142 -26.05 -4.83 3.20
N GLN B 143 -26.44 -5.64 4.20
CA GLN B 143 -27.31 -6.77 3.88
C GLN B 143 -28.65 -6.27 3.34
N ASP B 144 -29.18 -5.19 3.93
CA ASP B 144 -30.49 -4.67 3.57
C ASP B 144 -30.43 -3.54 2.60
N ARG B 145 -29.25 -3.03 2.29
CA ARG B 145 -28.99 -1.91 1.42
C ARG B 145 -29.84 -0.69 1.79
N ILE B 146 -29.71 -0.28 3.07
CA ILE B 146 -30.39 0.91 3.61
C ILE B 146 -29.44 1.70 4.48
N ILE B 147 -29.71 3.01 4.49
CA ILE B 147 -29.12 4.03 5.30
C ILE B 147 -30.17 4.52 6.28
N THR B 148 -29.82 4.54 7.56
CA THR B 148 -30.72 5.02 8.60
C THR B 148 -30.10 6.20 9.29
N ALA B 149 -30.86 7.27 9.45
CA ALA B 149 -30.47 8.46 10.19
C ALA B 149 -31.67 8.82 11.05
N ALA B 150 -31.56 8.69 12.37
CA ALA B 150 -32.73 8.87 13.23
C ALA B 150 -33.85 7.94 12.80
N THR B 151 -35.07 8.38 12.49
CA THR B 151 -36.10 7.48 12.04
C THR B 151 -36.31 7.53 10.53
N VAL B 152 -35.39 8.16 9.83
CA VAL B 152 -35.43 8.24 8.37
C VAL B 152 -34.64 7.06 7.83
N VAL B 153 -35.26 6.25 6.98
CA VAL B 153 -34.64 5.10 6.34
C VAL B 153 -34.64 5.31 4.84
N LEU B 154 -33.53 5.17 4.16
CA LEU B 154 -33.20 5.60 2.81
C LEU B 154 -32.63 4.40 2.07
N PRO B 155 -33.00 3.99 0.88
CA PRO B 155 -32.29 2.92 0.20
C PRO B 155 -30.95 3.44 -0.38
N PHE B 156 -30.01 2.52 -0.53
CA PHE B 156 -28.83 2.83 -1.31
C PHE B 156 -28.59 1.70 -2.32
N LYS B 157 -27.82 2.03 -3.33
CA LYS B 157 -27.42 1.05 -4.33
C LYS B 157 -25.94 0.82 -4.25
N ILE B 158 -25.58 -0.41 -4.58
CA ILE B 158 -24.21 -0.84 -4.64
C ILE B 158 -24.15 -1.97 -5.65
N ASP B 159 -23.02 -2.06 -6.38
CA ASP B 159 -22.97 -3.19 -7.33
C ASP B 159 -22.74 -4.47 -6.56
N ASP B 160 -23.22 -5.58 -7.10
CA ASP B 160 -23.21 -6.86 -6.38
C ASP B 160 -21.76 -7.33 -6.18
N HIS B 161 -20.81 -7.04 -7.04
CA HIS B 161 -19.43 -7.44 -6.84
C HIS B 161 -18.83 -6.75 -5.61
N SER B 162 -19.06 -5.44 -5.46
CA SER B 162 -18.60 -4.73 -4.28
C SER B 162 -19.25 -5.29 -3.03
N ALA B 163 -20.56 -5.57 -3.11
CA ALA B 163 -21.28 -6.08 -1.97
C ALA B 163 -20.66 -7.42 -1.53
N TRP B 164 -20.39 -8.31 -2.47
CA TRP B 164 -19.74 -9.57 -2.22
C TRP B 164 -18.38 -9.40 -1.55
N ARG B 165 -17.55 -8.53 -2.10
CA ARG B 165 -16.25 -8.35 -1.51
C ARG B 165 -16.32 -7.87 -0.05
N LEU B 166 -17.20 -6.90 0.19
CA LEU B 166 -17.33 -6.31 1.51
C LEU B 166 -17.89 -7.34 2.49
N LEU B 167 -18.96 -8.03 2.07
CA LEU B 167 -19.55 -9.03 2.93
C LEU B 167 -18.62 -10.18 3.29
N GLU B 168 -17.79 -10.58 2.36
CA GLU B 168 -16.89 -11.71 2.53
C GLU B 168 -15.56 -11.28 3.14
N GLY B 169 -15.31 -9.97 3.33
CA GLY B 169 -14.08 -9.50 3.87
C GLY B 169 -12.88 -9.80 3.03
N LEU B 170 -13.01 -9.68 1.73
CA LEU B 170 -11.90 -10.08 0.86
C LEU B 170 -10.78 -9.07 0.76
N ASP B 171 -11.03 -7.78 0.87
CA ASP B 171 -10.05 -6.90 0.22
C ASP B 171 -10.32 -7.05 -1.29
C1 EDO C . 13.04 4.30 4.64
O1 EDO C . 12.91 4.14 3.22
C2 EDO C . 12.86 3.02 5.44
O2 EDO C . 14.09 2.63 6.06
C1 EDO D . 36.41 -4.39 3.25
O1 EDO D . 36.27 -3.04 3.70
C2 EDO D . 36.00 -4.47 1.77
O2 EDO D . 36.23 -3.18 1.18
C1 EDO E . 14.49 -24.44 -10.16
O1 EDO E . 14.17 -23.26 -10.90
C2 EDO E . 15.99 -24.70 -10.13
O2 EDO E . 16.61 -24.01 -9.06
C1 EDO F . -2.24 -11.45 -3.70
O1 EDO F . -2.41 -10.31 -4.62
C2 EDO F . -1.12 -11.16 -2.73
O2 EDO F . 0.26 -11.30 -3.09
C1 EDO G . -18.89 4.75 15.70
O1 EDO G . -18.10 4.19 14.64
C2 EDO G . -18.87 6.27 15.70
O2 EDO G . -17.83 6.82 16.48
C1 EDO H . -28.00 25.63 1.77
O1 EDO H . -27.72 24.50 2.63
C2 EDO H . -26.98 25.58 0.61
O2 EDO H . -25.70 25.33 1.20
C1 EDO I . -13.25 23.31 1.05
O1 EDO I . -13.79 24.40 1.82
C2 EDO I . -12.92 23.79 -0.36
O2 EDO I . -14.12 24.22 -1.04
S SO4 J . -15.45 25.98 5.08
O1 SO4 J . -15.25 24.79 4.17
O2 SO4 J . -16.12 25.53 6.36
O3 SO4 J . -16.31 27.01 4.42
O4 SO4 J . -14.11 26.58 5.40
#